data_7EDS
#
_entry.id   7EDS
#
_cell.length_a   137.530
_cell.length_b   49.880
_cell.length_c   33.950
_cell.angle_alpha   90.000
_cell.angle_beta   93.310
_cell.angle_gamma   90.000
#
_symmetry.space_group_name_H-M   'C 1 2 1'
#
loop_
_entity.id
_entity.type
_entity.pdbx_description
1 polymer 'Cellular tumor antigen p53'
2 polymer 'PIG3 sense strand'
3 polymer 'PIG3 anti-sense strand'
4 non-polymer ARSENIC
5 non-polymer 'ZINC ION'
6 water water
#
loop_
_entity_poly.entity_id
_entity_poly.type
_entity_poly.pdbx_seq_one_letter_code
_entity_poly.pdbx_strand_id
1 'polypeptide(L)'
;SSSVPSQKTYQGSYGFRLGFLHSGTAKSVTCTYSPALNKTFCQLAKTCPVQLWVDSTPPPGTRVRAMAIYKQSQHMTEVV
RRCPHHERCSDSDGLAPPQHLIRVEGNLRVEYLDDRNTFRHSVVVPYEPPEVGSDCTTIHYNYMCNSSCMGGMNRRPILT
IITLEDSSGNLLGRNSFEVRVCACPGRDRRTEEENLRKKG
;
A
2 'polydeoxyribonucleotide'
;(DC)(DA)(DC)(DG)(DC)(DG)(DA)(DG)(DC)(DA)(DT)(DG)(DG)(DG)(DT)(DG)(DG)(DG)(DC)(DA)
(DA)(DG)(DC)(DT)(DG)(DG)(DC)(DT)(DC)(DT)
;
R
3 'polydeoxyribonucleotide'
;(DA)(DG)(DA)(DG)(DC)(DC)(DA)(DG)(DC)(DT)(DT)(DG)(DC)(DC)(DC)(DA)(DC)(DC)(DC)(DA)
(DT)(DG)(DC)(DT)(DC)(DG)(DC)(DG)(DT)(DG)
;
F
#
loop_
_chem_comp.id
_chem_comp.type
_chem_comp.name
_chem_comp.formula
ARS non-polymer ARSENIC As
DA DNA linking 2'-DEOXYADENOSINE-5'-MONOPHOSPHATE 'C10 H14 N5 O6 P'
DC DNA linking 2'-DEOXYCYTIDINE-5'-MONOPHOSPHATE 'C9 H14 N3 O7 P'
DG DNA linking 2'-DEOXYGUANOSINE-5'-MONOPHOSPHATE 'C10 H14 N5 O7 P'
DT DNA linking THYMIDINE-5'-MONOPHOSPHATE 'C10 H15 N2 O8 P'
ZN non-polymer 'ZINC ION' 'Zn 2'
#
# COMPACT_ATOMS: atom_id res chain seq x y z
N SER A 1 16.64 -14.87 -6.01
CA SER A 1 16.35 -16.02 -5.15
C SER A 1 15.38 -15.69 -4.02
N SER A 2 15.45 -14.51 -3.41
CA SER A 2 14.47 -14.16 -2.36
C SER A 2 13.03 -14.10 -2.93
N SER A 3 12.05 -14.55 -2.16
CA SER A 3 10.62 -14.39 -2.46
C SER A 3 10.07 -13.20 -1.61
N VAL A 4 10.90 -12.61 -0.77
CA VAL A 4 10.51 -11.39 0.00
C VAL A 4 10.93 -10.16 -0.76
N PRO A 5 9.98 -9.34 -1.13
CA PRO A 5 10.34 -8.10 -1.88
C PRO A 5 11.04 -7.13 -0.96
N SER A 6 11.96 -6.32 -1.47
CA SER A 6 12.61 -5.29 -0.65
C SER A 6 11.63 -4.26 -0.17
N GLN A 7 11.82 -3.85 1.09
CA GLN A 7 11.08 -2.75 1.67
C GLN A 7 11.98 -1.54 1.84
N LYS A 8 13.20 -1.62 1.37
CA LYS A 8 14.13 -0.52 1.55
C LYS A 8 13.81 0.72 0.80
N THR A 9 13.71 1.87 1.49
CA THR A 9 13.40 3.12 0.79
C THR A 9 14.45 3.41 -0.30
N TYR A 10 14.00 3.75 -1.47
CA TYR A 10 14.91 4.18 -2.57
C TYR A 10 14.23 5.30 -3.26
N GLN A 11 14.52 6.54 -2.86
CA GLN A 11 13.87 7.66 -3.41
C GLN A 11 14.34 7.92 -4.89
N GLY A 12 15.57 7.58 -5.18
CA GLY A 12 16.06 7.33 -6.58
C GLY A 12 16.35 8.62 -7.30
N SER A 13 16.63 8.56 -8.59
CA SER A 13 17.02 9.71 -9.41
CA SER A 13 17.03 9.72 -9.38
C SER A 13 15.88 10.66 -9.70
N TYR A 14 14.62 10.21 -9.47
CA TYR A 14 13.46 10.99 -9.76
C TYR A 14 12.92 11.68 -8.48
N GLY A 15 13.53 11.40 -7.34
CA GLY A 15 13.21 12.08 -6.08
C GLY A 15 11.77 11.71 -5.65
N PHE A 16 11.53 10.41 -5.63
CA PHE A 16 10.20 9.82 -5.36
C PHE A 16 9.91 9.69 -3.87
N ARG A 17 8.80 10.30 -3.46
CA ARG A 17 8.34 10.21 -2.10
C ARG A 17 6.85 10.27 -2.04
N LEU A 18 6.30 9.75 -0.97
CA LEU A 18 4.86 9.76 -0.78
C LEU A 18 4.36 10.86 0.12
N GLY A 19 3.12 11.26 -0.10
CA GLY A 19 2.43 12.24 0.78
C GLY A 19 1.07 11.63 1.17
N PHE A 20 0.55 12.09 2.32
CA PHE A 20 -0.70 11.67 2.88
C PHE A 20 -1.47 12.94 3.25
N LEU A 21 -2.70 13.04 2.78
CA LEU A 21 -3.60 14.18 3.16
C LEU A 21 -3.36 14.63 4.60
N VAL A 29 -13.18 9.92 11.51
CA VAL A 29 -12.16 9.84 10.47
C VAL A 29 -12.04 8.38 9.97
N THR A 30 -12.13 8.20 8.64
CA THR A 30 -12.00 6.92 7.94
C THR A 30 -10.50 6.59 7.72
N CYS A 31 -9.65 7.61 7.68
CA CYS A 31 -8.22 7.42 7.33
C CYS A 31 -7.38 8.54 7.97
N THR A 32 -6.27 8.21 8.66
CA THR A 32 -5.43 9.21 9.30
C THR A 32 -3.98 8.69 9.26
N TYR A 33 -3.06 9.58 8.93
CA TYR A 33 -1.64 9.22 8.84
C TYR A 33 -0.87 9.76 10.04
N SER A 34 -0.03 8.95 10.61
CA SER A 34 0.98 9.31 11.61
C SER A 34 2.36 9.48 11.04
N PRO A 35 2.89 10.70 10.97
CA PRO A 35 4.24 10.86 10.45
C PRO A 35 5.31 10.30 11.41
N ALA A 36 5.08 10.40 12.73
CA ALA A 36 5.94 9.79 13.74
C ALA A 36 6.12 8.32 13.55
N LEU A 37 5.03 7.59 13.25
CA LEU A 37 5.06 6.13 13.00
C LEU A 37 5.29 5.77 11.53
N ASN A 38 5.29 6.75 10.63
CA ASN A 38 5.09 6.48 9.15
C ASN A 38 4.04 5.39 8.93
N LYS A 39 2.80 5.67 9.26
CA LYS A 39 1.77 4.63 9.42
C LYS A 39 0.39 5.23 9.18
N THR A 40 -0.36 4.63 8.20
CA THR A 40 -1.73 4.96 7.97
C THR A 40 -2.63 4.06 8.83
N PHE A 41 -3.75 4.61 9.32
CA PHE A 41 -4.73 3.94 10.17
C PHE A 41 -6.05 4.12 9.34
N CYS A 42 -6.60 3.06 8.81
CA CYS A 42 -7.62 3.03 7.71
C CYS A 42 -8.77 2.21 8.32
N GLN A 43 -10.02 2.52 7.93
CA GLN A 43 -11.11 1.60 8.05
C GLN A 43 -11.20 0.66 6.80
N LEU A 44 -11.80 -0.49 6.99
CA LEU A 44 -12.02 -1.53 6.04
C LEU A 44 -12.74 -0.98 4.80
N ALA A 45 -12.13 -1.14 3.64
CA ALA A 45 -12.69 -0.82 2.36
C ALA A 45 -12.86 0.72 2.12
N LYS A 46 -12.37 1.57 3.01
CA LYS A 46 -12.47 3.01 2.82
C LYS A 46 -11.28 3.57 2.08
N THR A 47 -11.54 4.61 1.33
CA THR A 47 -10.43 5.28 0.55
C THR A 47 -9.27 5.72 1.39
N CYS A 48 -8.06 5.39 0.95
CA CYS A 48 -6.83 5.74 1.59
C CYS A 48 -6.02 6.45 0.44
N PRO A 49 -6.08 7.75 0.39
CA PRO A 49 -5.41 8.49 -0.76
C PRO A 49 -3.97 8.55 -0.44
N VAL A 50 -3.13 8.21 -1.43
CA VAL A 50 -1.68 8.34 -1.29
C VAL A 50 -1.21 9.24 -2.43
N GLN A 51 -0.40 10.20 -2.05
CA GLN A 51 0.19 11.13 -3.02
C GLN A 51 1.56 10.57 -3.48
N LEU A 52 1.82 10.72 -4.79
CA LEU A 52 3.13 10.42 -5.38
C LEU A 52 3.74 11.81 -5.75
N TRP A 53 4.89 12.06 -5.17
CA TRP A 53 5.69 13.29 -5.46
C TRP A 53 6.99 12.81 -6.12
N VAL A 54 7.37 13.55 -7.19
CA VAL A 54 8.68 13.33 -7.79
C VAL A 54 9.29 14.70 -8.02
N ASP A 55 10.61 14.76 -7.97
CA ASP A 55 11.37 15.99 -8.40
C ASP A 55 11.56 16.04 -9.88
N SER A 56 11.77 14.86 -10.51
CA SER A 56 11.85 14.82 -12.01
C SER A 56 10.82 13.91 -12.60
N THR A 57 10.43 14.17 -13.84
CA THR A 57 9.35 13.50 -14.54
C THR A 57 9.81 12.10 -14.97
N PRO A 58 9.16 11.03 -14.46
CA PRO A 58 9.45 9.70 -14.97
C PRO A 58 9.19 9.57 -16.46
N PRO A 59 9.84 8.58 -17.10
CA PRO A 59 9.56 8.39 -18.51
C PRO A 59 8.14 7.95 -18.81
N PRO A 60 7.73 8.06 -20.08
CA PRO A 60 6.39 7.58 -20.46
C PRO A 60 6.35 6.04 -20.24
N GLY A 61 5.21 5.55 -19.87
CA GLY A 61 5.04 4.15 -19.62
C GLY A 61 5.48 3.72 -18.22
N THR A 62 5.75 4.67 -17.33
CA THR A 62 6.08 4.33 -15.90
C THR A 62 4.79 3.82 -15.22
N ARG A 63 4.99 2.88 -14.34
CA ARG A 63 3.93 2.22 -13.61
C ARG A 63 4.13 2.39 -12.06
N VAL A 64 3.01 2.26 -11.33
CA VAL A 64 3.01 2.38 -9.85
C VAL A 64 2.44 1.06 -9.34
N ARG A 65 3.22 0.34 -8.57
CA ARG A 65 2.81 -0.92 -7.97
C ARG A 65 2.68 -0.78 -6.49
N ALA A 66 1.70 -1.48 -5.86
CA ALA A 66 1.53 -1.51 -4.46
C ALA A 66 1.41 -2.98 -4.08
N MET A 67 2.09 -3.38 -3.01
CA MET A 67 2.12 -4.71 -2.48
C MET A 67 2.20 -4.60 -0.98
N ALA A 68 1.55 -5.52 -0.24
CA ALA A 68 1.65 -5.59 1.21
C ALA A 68 2.64 -6.70 1.59
N ILE A 69 3.41 -6.53 2.63
CA ILE A 69 4.19 -7.56 3.26
C ILE A 69 4.06 -7.47 4.72
N TYR A 70 4.09 -8.62 5.43
CA TYR A 70 4.16 -8.50 6.89
C TYR A 70 5.43 -7.79 7.37
N LYS A 71 5.26 -6.91 8.36
CA LYS A 71 6.31 -6.06 8.87
C LYS A 71 7.26 -6.89 9.74
N GLN A 72 6.76 -7.85 10.48
CA GLN A 72 7.63 -8.57 11.47
C GLN A 72 8.43 -9.67 10.78
N SER A 73 9.73 -9.72 11.13
CA SER A 73 10.59 -10.77 10.65
C SER A 73 9.94 -12.13 10.64
N GLN A 74 9.28 -12.54 11.72
CA GLN A 74 8.67 -13.91 11.77
C GLN A 74 7.60 -14.20 10.77
N HIS A 75 6.97 -13.13 10.19
CA HIS A 75 5.89 -13.30 9.22
C HIS A 75 6.16 -12.87 7.81
N MET A 76 7.33 -12.28 7.64
CA MET A 76 7.70 -11.61 6.41
C MET A 76 7.57 -12.55 5.22
N THR A 77 7.89 -13.84 5.38
CA THR A 77 7.85 -14.77 4.25
C THR A 77 6.48 -15.25 3.93
N GLU A 78 5.43 -14.87 4.70
CA GLU A 78 4.08 -15.31 4.43
C GLU A 78 3.39 -14.28 3.54
N VAL A 79 2.69 -14.76 2.53
CA VAL A 79 2.00 -13.90 1.57
C VAL A 79 0.80 -13.28 2.24
N VAL A 80 0.69 -11.96 2.12
CA VAL A 80 -0.46 -11.19 2.66
C VAL A 80 -1.68 -11.39 1.78
N ARG A 81 -2.78 -11.91 2.36
CA ARG A 81 -3.99 -12.18 1.58
C ARG A 81 -5.23 -11.83 2.41
N ARG A 82 -6.38 -11.64 1.75
CA ARG A 82 -7.60 -11.41 2.45
C ARG A 82 -8.04 -12.68 3.18
N CYS A 83 -8.71 -12.49 4.31
CA CYS A 83 -9.21 -13.67 5.09
C CYS A 83 -10.34 -14.39 4.34
N PRO A 84 -10.63 -15.68 4.75
CA PRO A 84 -11.62 -16.43 3.99
C PRO A 84 -13.00 -15.79 4.10
N HIS A 85 -13.31 -15.09 5.20
CA HIS A 85 -14.66 -14.47 5.28
C HIS A 85 -14.83 -13.39 4.24
N HIS A 86 -13.88 -12.48 4.19
CA HIS A 86 -13.98 -11.33 3.28
C HIS A 86 -13.80 -11.75 1.86
N GLU A 87 -13.02 -12.77 1.59
CA GLU A 87 -12.84 -13.34 0.26
C GLU A 87 -14.16 -13.81 -0.31
N ARG A 88 -14.99 -14.48 0.52
CA ARG A 88 -16.31 -15.00 0.12
C ARG A 88 -17.38 -13.91 0.11
N CYS A 89 -17.12 -12.76 0.72
CA CYS A 89 -18.05 -11.63 0.71
C CYS A 89 -18.21 -11.10 -0.73
N SER A 90 -19.45 -10.82 -1.12
CA SER A 90 -19.79 -10.32 -2.48
C SER A 90 -19.64 -8.79 -2.51
N ASP A 91 -18.40 -8.33 -2.32
CA ASP A 91 -18.02 -6.90 -2.33
C ASP A 91 -17.10 -6.61 -3.53
N SER A 92 -17.24 -7.38 -4.60
CA SER A 92 -16.29 -7.32 -5.74
C SER A 92 -16.69 -6.18 -6.68
N ASP A 93 -15.68 -5.42 -7.13
CA ASP A 93 -15.85 -4.27 -8.03
C ASP A 93 -15.83 -4.67 -9.50
N GLY A 94 -15.55 -5.95 -9.75
CA GLY A 94 -15.51 -6.55 -11.10
C GLY A 94 -14.10 -6.90 -11.58
N LEU A 95 -13.06 -6.28 -11.01
CA LEU A 95 -11.68 -6.48 -11.53
C LEU A 95 -10.77 -7.10 -10.46
N ALA A 96 -10.93 -6.67 -9.22
CA ALA A 96 -10.05 -7.14 -8.15
C ALA A 96 -10.35 -8.63 -7.89
N PRO A 97 -9.37 -9.48 -7.95
CA PRO A 97 -9.64 -10.88 -7.53
C PRO A 97 -9.97 -10.84 -6.03
N PRO A 98 -10.88 -11.73 -5.57
CA PRO A 98 -11.37 -11.62 -4.22
C PRO A 98 -10.29 -11.88 -3.15
N GLN A 99 -9.18 -12.53 -3.46
CA GLN A 99 -8.09 -12.78 -2.47
C GLN A 99 -7.18 -11.57 -2.24
N HIS A 100 -7.16 -10.59 -3.13
CA HIS A 100 -6.34 -9.41 -2.98
C HIS A 100 -6.75 -8.49 -1.84
N LEU A 101 -5.82 -8.19 -0.96
CA LEU A 101 -6.05 -7.17 0.07
C LEU A 101 -6.21 -5.73 -0.47
N ILE A 102 -5.26 -5.29 -1.33
CA ILE A 102 -5.18 -3.91 -1.78
C ILE A 102 -5.84 -3.72 -3.12
N ARG A 103 -6.83 -2.84 -3.19
CA ARG A 103 -7.46 -2.45 -4.44
C ARG A 103 -7.15 -0.96 -4.71
N VAL A 104 -7.32 -0.59 -5.97
CA VAL A 104 -7.27 0.76 -6.49
C VAL A 104 -8.67 1.10 -7.00
N GLU A 105 -9.17 2.23 -6.54
CA GLU A 105 -10.48 2.70 -7.00
C GLU A 105 -10.24 3.88 -7.95
N GLY A 106 -11.21 4.14 -8.85
CA GLY A 106 -11.11 5.30 -9.72
C GLY A 106 -10.06 5.33 -10.80
N ASN A 107 -9.64 4.16 -11.31
CA ASN A 107 -8.62 4.14 -12.37
C ASN A 107 -9.08 3.14 -13.35
N LEU A 108 -9.08 3.52 -14.63
CA LEU A 108 -9.57 2.69 -15.69
C LEU A 108 -8.54 1.68 -16.18
N ARG A 109 -7.32 1.79 -15.68
CA ARG A 109 -6.22 0.92 -16.25
C ARG A 109 -5.55 0.08 -15.13
N VAL A 110 -6.31 -0.30 -14.12
CA VAL A 110 -5.76 -1.06 -12.96
C VAL A 110 -5.50 -2.48 -13.45
N GLU A 111 -4.40 -3.10 -12.97
CA GLU A 111 -4.04 -4.53 -13.30
C GLU A 111 -3.68 -5.13 -11.93
N TYR A 112 -4.30 -6.28 -11.64
CA TYR A 112 -4.08 -7.05 -10.42
C TYR A 112 -3.20 -8.23 -10.84
N LEU A 113 -2.12 -8.41 -10.14
CA LEU A 113 -1.10 -9.41 -10.46
C LEU A 113 -0.98 -10.41 -9.36
N ASP A 114 -0.75 -11.68 -9.76
CA ASP A 114 -0.41 -12.75 -8.79
C ASP A 114 0.90 -13.31 -9.29
N ASP A 115 2.00 -13.07 -8.59
CA ASP A 115 3.38 -13.47 -9.01
C ASP A 115 3.43 -14.99 -9.19
N ARG A 116 3.88 -15.42 -10.37
CA ARG A 116 4.04 -16.82 -10.70
C ARG A 116 5.02 -17.54 -9.73
N ASN A 117 6.05 -16.84 -9.27
CA ASN A 117 7.07 -17.51 -8.44
C ASN A 117 6.81 -17.37 -6.91
N THR A 118 6.45 -16.18 -6.47
CA THR A 118 6.39 -15.78 -5.03
C THR A 118 4.97 -15.91 -4.47
N PHE A 119 3.97 -15.93 -5.41
CA PHE A 119 2.56 -16.00 -5.16
C PHE A 119 2.05 -14.66 -4.50
N ARG A 120 2.85 -13.63 -4.50
CA ARG A 120 2.43 -12.34 -3.87
C ARG A 120 1.52 -11.58 -4.82
N HIS A 121 0.61 -10.81 -4.25
CA HIS A 121 -0.41 -10.10 -4.95
C HIS A 121 0.11 -8.66 -5.07
N SER A 122 -0.10 -8.03 -6.20
CA SER A 122 0.15 -6.61 -6.30
C SER A 122 -0.95 -5.95 -7.17
N VAL A 123 -1.02 -4.63 -7.09
CA VAL A 123 -1.96 -3.90 -7.88
C VAL A 123 -1.18 -2.74 -8.55
N VAL A 124 -1.31 -2.65 -9.83
CA VAL A 124 -0.52 -1.64 -10.62
C VAL A 124 -1.42 -0.67 -11.39
N VAL A 125 -1.05 0.61 -11.46
CA VAL A 125 -1.69 1.63 -12.33
C VAL A 125 -0.56 2.38 -13.05
N PRO A 126 -0.85 2.92 -14.20
CA PRO A 126 0.04 3.84 -14.89
C PRO A 126 0.32 5.03 -14.00
N TYR A 127 1.54 5.51 -14.01
CA TYR A 127 1.92 6.73 -13.39
C TYR A 127 1.43 7.83 -14.36
N GLU A 128 0.78 8.82 -13.77
CA GLU A 128 0.36 10.02 -14.51
C GLU A 128 0.98 11.25 -13.83
N PRO A 129 1.61 12.16 -14.62
CA PRO A 129 2.26 13.33 -14.07
C PRO A 129 1.20 14.22 -13.42
N PRO A 130 1.54 15.00 -12.37
CA PRO A 130 0.55 15.95 -11.85
C PRO A 130 -0.02 16.88 -12.92
N GLU A 131 -1.25 17.34 -12.77
CA GLU A 131 -1.73 18.48 -13.53
C GLU A 131 -0.85 19.69 -13.34
N VAL A 132 -0.71 20.48 -14.40
CA VAL A 132 0.00 21.80 -14.37
C VAL A 132 -0.36 22.57 -13.09
N GLY A 133 0.63 23.03 -12.34
CA GLY A 133 0.37 23.77 -11.09
C GLY A 133 0.10 22.89 -9.89
N SER A 134 0.01 21.55 -10.10
CA SER A 134 -0.11 20.58 -9.01
C SER A 134 1.23 19.93 -8.73
N ASP A 135 1.46 19.66 -7.45
CA ASP A 135 2.72 19.21 -6.99
C ASP A 135 2.80 17.65 -7.01
N CYS A 136 1.63 16.99 -7.12
CA CYS A 136 1.56 15.51 -6.90
C CYS A 136 0.43 14.86 -7.61
N THR A 137 0.48 13.49 -7.72
CA THR A 137 -0.66 12.72 -8.24
C THR A 137 -1.15 11.78 -7.10
N THR A 138 -2.42 11.53 -7.04
CA THR A 138 -3.02 10.80 -5.93
C THR A 138 -3.57 9.52 -6.49
N ILE A 139 -3.41 8.43 -5.74
CA ILE A 139 -4.00 7.17 -6.10
C ILE A 139 -4.85 6.83 -4.89
N HIS A 140 -6.01 6.31 -5.19
CA HIS A 140 -6.94 5.92 -4.12
C HIS A 140 -6.91 4.41 -3.88
N TYR A 141 -6.26 4.01 -2.83
CA TYR A 141 -6.14 2.57 -2.47
C TYR A 141 -7.29 2.28 -1.48
N ASN A 142 -7.65 1.00 -1.44
CA ASN A 142 -8.57 0.46 -0.42
C ASN A 142 -7.98 -0.85 0.13
N TYR A 143 -8.09 -1.05 1.44
CA TYR A 143 -7.63 -2.28 2.09
C TYR A 143 -8.91 -3.04 2.49
N MET A 144 -9.05 -4.25 2.01
CA MET A 144 -10.28 -4.98 2.04
C MET A 144 -10.35 -5.94 3.20
N CYS A 145 -9.45 -5.81 4.22
CA CYS A 145 -9.57 -6.61 5.45
C CYS A 145 -9.10 -5.74 6.62
N ASN A 146 -9.61 -5.99 7.80
CA ASN A 146 -9.05 -5.43 9.01
C ASN A 146 -7.68 -6.13 9.30
N SER A 147 -6.75 -5.42 9.93
CA SER A 147 -5.48 -6.00 10.46
C SER A 147 -5.77 -7.21 11.36
N SER A 148 -6.93 -7.21 11.97
CA SER A 148 -7.27 -8.19 12.96
C SER A 148 -7.91 -9.42 12.37
N CYS A 149 -8.29 -9.45 11.09
CA CYS A 149 -9.04 -10.57 10.46
C CYS A 149 -8.51 -11.91 10.77
N MET A 150 -9.34 -12.70 11.44
CA MET A 150 -8.98 -14.06 11.71
C MET A 150 -8.80 -14.81 10.41
N GLY A 151 -7.70 -15.56 10.26
CA GLY A 151 -7.44 -16.33 9.07
C GLY A 151 -6.77 -15.50 7.95
N GLY A 152 -6.65 -14.18 8.18
CA GLY A 152 -5.88 -13.27 7.27
C GLY A 152 -4.74 -12.64 7.97
N MET A 153 -4.72 -11.32 7.99
CA MET A 153 -3.65 -10.63 8.73
C MET A 153 -3.56 -11.03 10.20
N ASN A 154 -4.67 -11.35 10.84
CA ASN A 154 -4.65 -11.97 12.19
C ASN A 154 -3.82 -11.11 13.15
N ARG A 155 -3.98 -9.78 13.09
CA ARG A 155 -3.42 -8.80 14.04
C ARG A 155 -1.93 -8.48 13.78
N ARG A 156 -1.39 -8.96 12.65
CA ARG A 156 0.03 -8.76 12.26
C ARG A 156 0.13 -7.48 11.43
N PRO A 157 0.91 -6.52 11.87
CA PRO A 157 1.20 -5.31 11.10
C PRO A 157 1.75 -5.65 9.68
N ILE A 158 1.34 -4.85 8.72
CA ILE A 158 1.79 -4.90 7.33
C ILE A 158 2.40 -3.58 6.92
N LEU A 159 3.30 -3.68 5.98
CA LEU A 159 3.83 -2.50 5.24
C LEU A 159 3.16 -2.54 3.87
N THR A 160 2.83 -1.39 3.32
CA THR A 160 2.54 -1.23 1.92
C THR A 160 3.83 -0.75 1.30
N ILE A 161 4.27 -1.45 0.24
CA ILE A 161 5.42 -1.05 -0.55
C ILE A 161 4.93 -0.46 -1.86
N ILE A 162 5.26 0.79 -2.15
CA ILE A 162 4.90 1.46 -3.39
C ILE A 162 6.16 1.57 -4.25
N THR A 163 6.15 1.00 -5.44
CA THR A 163 7.31 1.15 -6.38
C THR A 163 6.94 1.82 -7.62
N LEU A 164 7.83 2.67 -8.06
CA LEU A 164 7.74 3.35 -9.35
C LEU A 164 8.64 2.48 -10.28
N GLU A 165 8.12 2.00 -11.38
CA GLU A 165 8.77 1.04 -12.23
C GLU A 165 8.69 1.53 -13.67
N ASP A 166 9.77 1.45 -14.50
CA ASP A 166 9.62 1.81 -15.92
C ASP A 166 8.92 0.67 -16.66
N SER A 167 8.48 0.94 -17.87
CA SER A 167 7.81 -0.08 -18.67
C SER A 167 8.74 -1.35 -18.83
N SER A 168 10.05 -1.14 -18.77
CA SER A 168 11.08 -2.21 -18.89
C SER A 168 11.20 -3.07 -17.68
N GLY A 169 10.69 -2.58 -16.55
CA GLY A 169 10.71 -3.28 -15.28
C GLY A 169 11.80 -2.71 -14.37
N ASN A 170 12.60 -1.71 -14.78
CA ASN A 170 13.59 -1.12 -13.89
C ASN A 170 12.86 -0.45 -12.72
N LEU A 171 13.41 -0.63 -11.53
CA LEU A 171 12.99 0.11 -10.34
C LEU A 171 13.48 1.51 -10.42
N LEU A 172 12.56 2.47 -10.46
CA LEU A 172 12.85 3.92 -10.44
C LEU A 172 12.82 4.42 -9.01
N GLY A 173 11.93 3.91 -8.16
CA GLY A 173 11.84 4.40 -6.77
C GLY A 173 11.00 3.45 -5.94
N ARG A 174 11.19 3.50 -4.64
CA ARG A 174 10.49 2.59 -3.72
C ARG A 174 10.28 3.37 -2.40
N ASN A 175 9.00 3.38 -1.90
CA ASN A 175 8.74 3.95 -0.58
C ASN A 175 7.78 2.95 0.10
N SER A 176 7.65 3.11 1.37
CA SER A 176 6.78 2.16 2.12
C SER A 176 6.19 2.84 3.33
N PHE A 177 5.08 2.30 3.87
CA PHE A 177 4.48 2.88 5.06
C PHE A 177 3.75 1.72 5.71
N GLU A 178 3.60 1.75 7.01
CA GLU A 178 2.91 0.72 7.73
C GLU A 178 1.43 1.06 7.58
N VAL A 179 0.64 0.00 7.73
CA VAL A 179 -0.85 0.10 7.68
C VAL A 179 -1.41 -0.65 8.81
N ARG A 180 -2.40 -0.03 9.48
CA ARG A 180 -3.30 -0.76 10.36
C ARG A 180 -4.69 -0.45 9.84
N VAL A 181 -5.44 -1.50 9.50
CA VAL A 181 -6.85 -1.39 9.06
C VAL A 181 -7.66 -1.77 10.26
N CYS A 182 -8.55 -0.83 10.73
CA CYS A 182 -9.16 -1.03 12.06
C CYS A 182 -10.49 -0.26 12.12
N ALA A 183 -11.27 -0.58 13.11
CA ALA A 183 -12.59 0.03 13.30
C ALA A 183 -12.47 1.52 13.68
N CYS A 184 -11.43 1.90 14.44
CA CYS A 184 -11.36 3.28 15.00
C CYS A 184 -9.96 3.86 14.78
N PRO A 185 -9.68 4.33 13.57
CA PRO A 185 -8.34 4.85 13.24
C PRO A 185 -7.81 5.98 14.17
N GLY A 186 -8.67 6.89 14.53
CA GLY A 186 -8.35 8.00 15.42
C GLY A 186 -7.92 7.54 16.77
N ARG A 187 -8.71 6.65 17.38
CA ARG A 187 -8.39 6.08 18.67
C ARG A 187 -7.01 5.34 18.57
N ASP A 188 -6.88 4.52 17.54
CA ASP A 188 -5.76 3.70 17.44
C ASP A 188 -4.46 4.48 17.18
N ARG A 189 -4.51 5.55 16.37
CA ARG A 189 -3.35 6.43 16.09
C ARG A 189 -2.89 7.09 17.40
N ARG A 190 -3.84 7.71 18.12
CA ARG A 190 -3.53 8.32 19.40
C ARG A 190 -2.89 7.31 20.36
N THR A 191 -3.45 6.09 20.50
CA THR A 191 -2.92 5.07 21.38
C THR A 191 -1.47 4.75 21.06
N GLU A 192 -1.23 4.51 19.76
CA GLU A 192 0.08 4.05 19.36
C GLU A 192 1.12 5.19 19.53
N GLU A 193 0.76 6.43 19.25
CA GLU A 193 1.66 7.56 19.39
C GLU A 193 1.96 7.76 20.91
N GLU A 194 0.96 7.59 21.75
CA GLU A 194 1.18 7.76 23.20
C GLU A 194 2.08 6.64 23.71
N ASN A 195 1.91 5.39 23.21
CA ASN A 195 2.71 4.28 23.58
C ASN A 195 4.19 4.54 23.17
N LEU A 196 4.39 5.10 22.02
CA LEU A 196 5.73 5.41 21.52
C LEU A 196 6.42 6.45 22.42
N ARG A 197 5.69 7.50 22.79
CA ARG A 197 6.23 8.59 23.68
C ARG A 197 6.54 8.00 25.05
N LYS A 198 5.61 7.20 25.56
CA LYS A 198 5.71 6.66 26.96
C LYS A 198 6.64 5.50 27.13
N LYS A 199 6.65 4.52 26.18
CA LYS A 199 7.38 3.26 26.36
C LYS A 199 8.36 2.91 25.24
N GLY A 200 8.45 3.74 24.19
CA GLY A 200 9.22 3.44 22.99
C GLY A 200 10.70 3.51 23.21
AS ARS D . -6.00 5.06 5.13
ZN ZN E . -10.99 -10.05 6.49
#